data_2R5A
#
_entry.id   2R5A
#
_cell.length_a   83.030
_cell.length_b   83.030
_cell.length_c   75.790
_cell.angle_alpha   90.00
_cell.angle_beta   90.00
_cell.angle_gamma   90.00
#
_symmetry.space_group_name_H-M   'P 43 21 2'
#
loop_
_entity.id
_entity.type
_entity.pdbx_description
1 polymer 'Polycomb protein Scm'
2 non-polymer N-METHYL-LYSINE
3 water water
#
_entity_poly.entity_id   1
_entity_poly.type   'polypeptide(L)'
_entity_poly.pdbx_seq_one_letter_code
;GAMAFDWDAYLEETGSEAAPAKCFKQAQNPPNNDFKIGMKLEALDPRNVTSTCIATVVGVLGSRLRLRLDGSDSQNDFWR
LVDSTEIHAIGHCEKNGGMLQPPLGFCMNASSWPGYLCKILNNAMVAPEEIFQPEPPEPEENLFKVGQKLEAVDKKNPQL
ICCATVDAIKDDQIHVTFDGWRGAFDYWCNYRSRDIFPAGWCARSCHPMQPPGHKSRMDSSSSKQRCPRPRYTVVAESEA
MVPASPATAHFHPNCKGGPFINNSK
;
_entity_poly.pdbx_strand_id   A
#
# COMPACT_ATOMS: atom_id res chain seq x y z
N ALA A 4 -5.99 -13.87 -14.37
CA ALA A 4 -6.48 -14.38 -13.04
C ALA A 4 -5.81 -15.71 -12.63
N PHE A 5 -5.06 -15.67 -11.52
CA PHE A 5 -4.30 -16.80 -11.00
C PHE A 5 -5.24 -17.84 -10.37
N ASP A 6 -5.05 -19.11 -10.75
CA ASP A 6 -5.88 -20.19 -10.24
C ASP A 6 -5.36 -20.66 -8.89
N TRP A 7 -5.80 -19.95 -7.85
CA TRP A 7 -5.45 -20.31 -6.47
C TRP A 7 -5.94 -21.70 -6.07
N ASP A 8 -7.16 -22.04 -6.45
CA ASP A 8 -7.76 -23.31 -6.06
C ASP A 8 -6.95 -24.51 -6.52
N ALA A 9 -6.46 -24.44 -7.76
CA ALA A 9 -5.62 -25.50 -8.33
C ALA A 9 -4.24 -25.53 -7.67
N TYR A 10 -3.71 -24.34 -7.36
CA TYR A 10 -2.40 -24.21 -6.75
C TYR A 10 -2.34 -24.66 -5.28
N LEU A 11 -3.38 -24.38 -4.52
CA LEU A 11 -3.50 -24.87 -3.14
C LEU A 11 -3.70 -26.37 -3.07
N GLU A 12 -4.28 -26.93 -4.13
CA GLU A 12 -4.46 -28.36 -4.22
C GLU A 12 -3.13 -29.08 -4.53
N GLU A 13 -2.36 -28.55 -5.48
CA GLU A 13 -1.12 -29.22 -5.90
C GLU A 13 0.03 -29.02 -4.91
N THR A 14 -0.05 -27.97 -4.10
CA THR A 14 0.94 -27.74 -3.07
C THR A 14 0.51 -28.31 -1.72
N GLY A 15 -0.69 -28.91 -1.68
CA GLY A 15 -1.27 -29.44 -0.44
C GLY A 15 -1.32 -28.38 0.65
N SER A 16 -1.75 -27.17 0.27
CA SER A 16 -1.73 -25.99 1.12
C SER A 16 -3.08 -25.33 1.35
N GLU A 17 -3.15 -24.53 2.42
CA GLU A 17 -4.31 -23.73 2.78
C GLU A 17 -4.03 -22.26 2.55
N ALA A 18 -5.03 -21.52 2.08
CA ALA A 18 -4.97 -20.07 2.07
C ALA A 18 -5.31 -19.53 3.46
N ALA A 19 -4.59 -18.51 3.90
CA ALA A 19 -4.92 -17.87 5.17
C ALA A 19 -6.33 -17.25 5.05
N PRO A 20 -7.22 -17.56 6.00
CA PRO A 20 -8.58 -17.02 5.99
C PRO A 20 -8.57 -15.51 6.03
N ALA A 21 -9.58 -14.91 5.41
CA ALA A 21 -9.75 -13.46 5.31
C ALA A 21 -9.67 -12.71 6.65
N LYS A 22 -10.17 -13.33 7.71
CA LYS A 22 -10.16 -12.78 9.06
C LYS A 22 -8.76 -12.51 9.64
N CYS A 23 -7.71 -13.06 9.01
CA CYS A 23 -6.33 -12.80 9.42
C CYS A 23 -5.84 -11.39 9.05
N PHE A 24 -6.50 -10.77 8.06
CA PHE A 24 -6.03 -9.56 7.39
C PHE A 24 -6.75 -8.29 7.80
N LYS A 25 -5.98 -7.21 7.92
CA LYS A 25 -6.55 -5.88 7.96
C LYS A 25 -6.77 -5.43 6.51
N GLN A 26 -7.83 -5.97 5.91
CA GLN A 26 -8.28 -5.56 4.59
C GLN A 26 -9.79 -5.64 4.67
N ALA A 27 -10.47 -4.86 3.83
CA ALA A 27 -11.92 -4.95 3.71
C ALA A 27 -12.35 -6.29 3.12
N GLN A 28 -13.56 -6.74 3.46
CA GLN A 28 -14.09 -8.00 2.90
C GLN A 28 -14.09 -7.95 1.37
N ASN A 29 -14.53 -6.83 0.83
CA ASN A 29 -14.50 -6.53 -0.60
C ASN A 29 -13.50 -5.40 -0.90
N PRO A 30 -12.71 -5.54 -1.97
CA PRO A 30 -11.78 -4.48 -2.30
C PRO A 30 -12.49 -3.13 -2.46
N PRO A 31 -11.95 -2.08 -1.81
CA PRO A 31 -12.63 -0.78 -1.85
C PRO A 31 -12.57 -0.17 -3.24
N ASN A 32 -13.62 0.52 -3.67
CA ASN A 32 -13.64 1.19 -4.96
C ASN A 32 -12.60 2.30 -5.05
N ASN A 33 -11.91 2.33 -6.18
CA ASN A 33 -10.89 3.34 -6.46
C ASN A 33 -11.41 4.36 -7.48
N ASP A 34 -11.83 5.52 -6.97
CA ASP A 34 -12.34 6.61 -7.77
C ASP A 34 -11.33 7.75 -7.96
N PHE A 35 -10.07 7.50 -7.63
CA PHE A 35 -9.03 8.51 -7.78
C PHE A 35 -8.60 8.61 -9.24
N LYS A 36 -8.23 9.80 -9.67
CA LYS A 36 -7.75 10.00 -11.03
C LYS A 36 -6.31 10.49 -11.02
N ILE A 37 -5.58 10.14 -12.07
CA ILE A 37 -4.20 10.57 -12.22
C ILE A 37 -4.19 12.09 -12.26
N GLY A 38 -3.33 12.68 -11.43
CA GLY A 38 -3.20 14.13 -11.33
C GLY A 38 -3.77 14.69 -10.05
N MET A 39 -4.66 13.93 -9.39
CA MET A 39 -5.27 14.38 -8.14
C MET A 39 -4.22 14.52 -7.06
N LYS A 40 -4.31 15.62 -6.30
CA LYS A 40 -3.38 15.86 -5.20
C LYS A 40 -4.06 15.50 -3.87
N LEU A 41 -3.22 15.04 -2.95
CA LEU A 41 -3.68 14.65 -1.62
C LEU A 41 -2.53 14.83 -0.62
N GLU A 42 -2.80 14.53 0.65
CA GLU A 42 -1.79 14.57 1.70
C GLU A 42 -1.37 13.16 2.08
N ALA A 43 -0.06 12.92 2.15
CA ALA A 43 0.50 11.61 2.52
C ALA A 43 1.69 11.76 3.46
N LEU A 44 1.91 10.76 4.32
CA LEU A 44 3.14 10.67 5.10
C LEU A 44 4.26 10.36 4.16
N ASP A 45 5.34 11.12 4.27
CA ASP A 45 6.56 10.89 3.50
C ASP A 45 7.22 9.57 3.95
N PRO A 46 7.30 8.56 3.06
CA PRO A 46 7.96 7.29 3.45
C PRO A 46 9.41 7.49 3.91
N ARG A 47 10.08 8.54 3.44
CA ARG A 47 11.46 8.81 3.80
C ARG A 47 11.59 9.69 5.05
N ASN A 48 10.47 10.21 5.54
CA ASN A 48 10.36 10.74 6.91
C ASN A 48 8.90 10.72 7.36
N VAL A 49 8.53 9.67 8.09
CA VAL A 49 7.11 9.41 8.38
C VAL A 49 6.52 10.35 9.41
N THR A 50 7.34 11.24 9.94
CA THR A 50 6.84 12.29 10.79
C THR A 50 6.20 13.41 9.92
N SER A 51 6.62 13.51 8.65
CA SER A 51 6.13 14.57 7.75
C SER A 51 4.87 14.19 6.98
N THR A 52 3.91 15.11 6.97
CA THR A 52 2.79 15.07 6.02
C THR A 52 3.09 15.99 4.84
N CYS A 53 3.07 15.40 3.64
CA CYS A 53 3.47 16.10 2.41
C CYS A 53 2.36 16.04 1.36
N ILE A 54 2.43 16.94 0.38
CA ILE A 54 1.56 16.91 -0.78
C ILE A 54 2.08 15.82 -1.73
N ALA A 55 1.17 14.93 -2.12
CA ALA A 55 1.42 13.85 -3.08
C ALA A 55 0.45 13.96 -4.26
N THR A 56 0.87 13.49 -5.42
CA THR A 56 0.01 13.42 -6.60
C THR A 56 -0.18 11.96 -7.02
N VAL A 57 -1.39 11.61 -7.44
CA VAL A 57 -1.65 10.31 -8.01
C VAL A 57 -0.97 10.28 -9.39
N VAL A 58 0.02 9.40 -9.56
CA VAL A 58 0.71 9.26 -10.85
C VAL A 58 0.35 7.93 -11.53
N GLY A 59 -0.48 7.14 -10.86
CA GLY A 59 -0.93 5.84 -11.35
C GLY A 59 -2.00 5.25 -10.44
N VAL A 60 -2.83 4.38 -11.00
CA VAL A 60 -3.87 3.70 -10.27
C VAL A 60 -3.77 2.26 -10.72
N LEU A 61 -3.88 1.34 -9.76
CA LEU A 61 -3.92 -0.06 -10.10
C LEU A 61 -4.76 -0.74 -9.04
N GLY A 62 -5.85 -1.38 -9.46
CA GLY A 62 -6.83 -1.93 -8.52
C GLY A 62 -7.26 -0.92 -7.45
N SER A 63 -7.16 -1.32 -6.19
CA SER A 63 -7.56 -0.45 -5.07
C SER A 63 -6.38 0.38 -4.58
N ARG A 64 -5.32 0.46 -5.39
CA ARG A 64 -4.10 1.15 -4.99
C ARG A 64 -3.81 2.40 -5.82
N LEU A 65 -3.07 3.32 -5.21
CA LEU A 65 -2.60 4.54 -5.85
C LEU A 65 -1.08 4.49 -5.87
N ARG A 66 -0.49 4.82 -7.02
CA ARG A 66 0.92 5.14 -7.09
C ARG A 66 1.09 6.64 -6.82
N LEU A 67 1.91 6.97 -5.82
CA LEU A 67 2.05 8.35 -5.37
C LEU A 67 3.46 8.86 -5.55
N ARG A 68 3.54 10.15 -5.85
CA ARG A 68 4.80 10.85 -5.98
C ARG A 68 4.66 12.15 -5.21
N LEU A 69 5.66 12.49 -4.38
CA LEU A 69 5.58 13.75 -3.64
C LEU A 69 6.01 14.93 -4.52
N ASP A 70 5.13 15.92 -4.60
CA ASP A 70 5.43 17.15 -5.31
C ASP A 70 6.75 17.77 -4.83
N GLY A 71 7.56 18.20 -5.80
CA GLY A 71 8.84 18.84 -5.49
C GLY A 71 9.99 17.89 -5.22
N SER A 72 9.76 16.59 -5.37
CA SER A 72 10.84 15.64 -5.15
C SER A 72 11.44 15.09 -6.46
N ASP A 73 11.32 13.78 -6.66
CA ASP A 73 11.95 13.12 -7.79
C ASP A 73 11.04 12.00 -8.22
N SER A 74 11.38 11.36 -9.32
CA SER A 74 10.48 10.36 -9.89
C SER A 74 10.95 8.94 -9.60
N GLN A 75 11.91 8.82 -8.66
CA GLN A 75 12.59 7.57 -8.38
C GLN A 75 12.17 6.92 -7.04
N ASN A 76 11.23 7.54 -6.33
CA ASN A 76 10.87 7.07 -4.99
C ASN A 76 9.37 7.00 -4.84
N ASP A 77 8.65 6.66 -5.90
CA ASP A 77 7.20 6.54 -5.87
C ASP A 77 6.80 5.45 -4.88
N PHE A 78 5.59 5.57 -4.34
CA PHE A 78 5.12 4.60 -3.36
C PHE A 78 3.63 4.31 -3.59
N TRP A 79 3.19 3.16 -3.08
CA TRP A 79 1.85 2.64 -3.29
C TRP A 79 1.07 2.60 -2.00
N ARG A 80 -0.13 3.18 -2.04
CA ARG A 80 -1.05 3.15 -0.92
C ARG A 80 -2.45 2.73 -1.37
N LEU A 81 -3.11 1.89 -0.58
CA LEU A 81 -4.52 1.57 -0.81
C LEU A 81 -5.40 2.79 -0.56
N VAL A 82 -6.52 2.85 -1.26
CA VAL A 82 -7.45 4.00 -1.13
C VAL A 82 -8.04 4.09 0.28
N ASP A 83 -7.91 3.01 1.06
CA ASP A 83 -8.37 3.00 2.46
C ASP A 83 -7.22 3.01 3.50
N SER A 84 -6.03 3.43 3.05
CA SER A 84 -4.90 3.68 3.93
C SER A 84 -5.14 4.88 4.84
N THR A 85 -4.75 4.74 6.11
CA THR A 85 -4.85 5.85 7.10
C THR A 85 -3.69 6.83 6.97
N GLU A 86 -2.79 6.58 6.03
CA GLU A 86 -1.66 7.46 5.85
C GLU A 86 -1.86 8.44 4.70
N ILE A 87 -3.06 8.43 4.12
CA ILE A 87 -3.44 9.38 3.06
C ILE A 87 -4.70 10.10 3.47
N HIS A 88 -4.77 11.38 3.16
CA HIS A 88 -5.95 12.20 3.48
C HIS A 88 -6.17 13.27 2.41
N ALA A 89 -7.38 13.84 2.42
CA ALA A 89 -7.72 14.99 1.59
C ALA A 89 -6.90 16.20 2.02
N ILE A 90 -6.55 17.04 1.07
CA ILE A 90 -5.88 18.30 1.41
C ILE A 90 -6.71 19.15 2.41
N GLY A 91 -6.01 19.69 3.41
CA GLY A 91 -6.65 20.43 4.51
C GLY A 91 -6.75 19.61 5.78
N HIS A 92 -6.60 18.29 5.65
CA HIS A 92 -6.67 17.40 6.82
C HIS A 92 -5.59 17.72 7.86
N CYS A 93 -4.34 17.83 7.40
CA CYS A 93 -3.21 18.14 8.29
C CYS A 93 -3.47 19.37 9.16
N GLU A 94 -3.81 20.50 8.52
CA GLU A 94 -4.10 21.78 9.14
C GLU A 94 -5.28 21.74 10.12
N LYS A 95 -6.41 21.21 9.66
CA LYS A 95 -7.59 20.95 10.49
C LYS A 95 -7.20 20.26 11.82
N ASN A 96 -6.17 19.42 11.77
CA ASN A 96 -5.74 18.68 12.95
C ASN A 96 -4.60 19.30 13.79
N GLY A 97 -4.19 20.52 13.45
CA GLY A 97 -3.19 21.24 14.23
C GLY A 97 -1.76 21.12 13.71
N GLY A 98 -1.64 20.49 12.54
CA GLY A 98 -0.34 20.24 11.93
C GLY A 98 0.00 21.20 10.80
N MET A 99 1.21 21.06 10.28
CA MET A 99 1.70 21.87 9.18
C MET A 99 2.27 20.94 8.10
N LEU A 100 1.96 21.21 6.84
CA LEU A 100 2.55 20.46 5.73
C LEU A 100 4.05 20.73 5.63
N GLN A 101 4.80 19.69 5.29
CA GLN A 101 6.25 19.78 5.20
C GLN A 101 6.76 19.56 3.78
N PRO A 102 7.94 20.08 3.47
CA PRO A 102 8.58 19.66 2.23
C PRO A 102 8.94 18.18 2.27
N PRO A 103 8.92 17.51 1.11
CA PRO A 103 9.35 16.13 1.09
C PRO A 103 10.85 16.08 1.40
N LEU A 104 11.35 14.93 1.88
CA LEU A 104 12.76 14.76 2.14
C LEU A 104 13.61 14.97 0.90
N GLY A 105 13.09 14.53 -0.25
CA GLY A 105 13.82 14.68 -1.51
C GLY A 105 13.57 15.98 -2.27
N PHE A 106 13.10 17.00 -1.56
CA PHE A 106 12.72 18.30 -2.13
C PHE A 106 13.83 18.90 -3.02
N CYS A 107 13.47 19.33 -4.24
CA CYS A 107 14.48 19.71 -5.27
C CYS A 107 15.05 21.14 -5.14
N MET A 108 14.51 21.92 -4.16
CA MET A 108 14.91 23.31 -3.93
C MET A 108 15.34 23.46 -2.49
N ASN A 109 15.86 24.62 -2.13
CA ASN A 109 16.22 24.87 -0.73
C ASN A 109 14.99 25.11 0.15
N ALA A 110 15.11 24.82 1.43
CA ALA A 110 13.98 24.81 2.37
C ALA A 110 13.19 26.12 2.49
N SER A 111 13.88 27.25 2.42
CA SER A 111 13.21 28.56 2.51
C SER A 111 12.37 28.89 1.26
N SER A 112 12.48 28.06 0.22
CA SER A 112 11.62 28.14 -0.95
C SER A 112 10.30 27.39 -0.77
N TRP A 113 10.20 26.63 0.33
CA TRP A 113 9.02 25.81 0.60
C TRP A 113 7.66 26.52 0.72
N PRO A 114 7.54 27.52 1.64
CA PRO A 114 6.21 28.14 1.80
C PRO A 114 5.62 28.63 0.47
N GLY A 115 6.41 29.35 -0.32
CA GLY A 115 6.00 29.81 -1.64
C GLY A 115 5.75 28.71 -2.65
N TYR A 116 6.53 27.63 -2.56
CA TYR A 116 6.36 26.45 -3.42
C TYR A 116 5.00 25.78 -3.22
N LEU A 117 4.59 25.64 -1.95
CA LEU A 117 3.31 25.02 -1.58
C LEU A 117 2.14 25.77 -2.23
N CYS A 118 2.16 27.09 -2.13
CA CYS A 118 1.16 27.95 -2.77
C CYS A 118 1.06 27.77 -4.28
N LYS A 119 2.20 27.69 -4.94
CA LYS A 119 2.25 27.52 -6.38
C LYS A 119 1.63 26.19 -6.83
N ILE A 120 1.97 25.09 -6.13
CA ILE A 120 1.44 23.79 -6.51
C ILE A 120 -0.03 23.60 -6.14
N LEU A 121 -0.50 24.28 -5.09
CA LEU A 121 -1.90 24.15 -4.68
C LEU A 121 -2.83 25.06 -5.49
N ASN A 122 -2.24 26.00 -6.24
CA ASN A 122 -3.00 26.95 -7.02
C ASN A 122 -3.72 26.26 -8.18
N ASN A 123 -5.06 26.25 -8.09
CA ASN A 123 -5.94 25.60 -9.06
C ASN A 123 -5.62 24.12 -9.32
N ALA A 124 -5.11 23.44 -8.30
CA ALA A 124 -4.70 22.03 -8.38
C ALA A 124 -5.92 21.11 -8.43
N MET A 125 -5.79 20.02 -9.19
CA MET A 125 -6.77 18.94 -9.12
C MET A 125 -6.59 18.28 -7.74
N VAL A 126 -7.62 18.33 -6.90
CA VAL A 126 -7.57 17.70 -5.58
C VAL A 126 -8.57 16.57 -5.46
N ALA A 127 -8.13 15.47 -4.85
CA ALA A 127 -9.02 14.36 -4.50
C ALA A 127 -10.00 14.84 -3.42
N PRO A 128 -11.32 14.70 -3.68
CA PRO A 128 -12.30 15.07 -2.66
C PRO A 128 -12.33 14.06 -1.53
N GLU A 129 -12.69 14.51 -0.33
CA GLU A 129 -12.63 13.66 0.87
C GLU A 129 -13.51 12.41 0.74
N GLU A 130 -14.58 12.50 -0.06
CA GLU A 130 -15.55 11.41 -0.19
C GLU A 130 -15.06 10.17 -0.93
N ILE A 131 -13.97 10.28 -1.68
CA ILE A 131 -13.42 9.11 -2.38
C ILE A 131 -12.33 8.34 -1.59
N PHE A 132 -11.93 8.90 -0.44
CA PHE A 132 -11.08 8.21 0.53
C PHE A 132 -11.93 7.17 1.27
N GLN A 133 -11.48 5.91 1.27
CA GLN A 133 -12.28 4.81 1.81
C GLN A 133 -12.00 4.57 3.29
N PRO A 134 -12.99 4.05 4.04
CA PRO A 134 -12.83 3.87 5.48
C PRO A 134 -11.83 2.77 5.87
N GLU A 135 -11.20 2.95 7.03
CA GLU A 135 -10.16 2.05 7.49
C GLU A 135 -10.78 0.69 7.86
N PRO A 136 -10.28 -0.40 7.23
CA PRO A 136 -10.83 -1.73 7.51
C PRO A 136 -10.63 -2.12 8.97
N PRO A 137 -11.57 -2.92 9.52
CA PRO A 137 -11.41 -3.45 10.86
C PRO A 137 -10.14 -4.27 10.97
N GLU A 138 -9.48 -4.25 12.13
CA GLU A 138 -8.32 -5.09 12.30
C GLU A 138 -8.58 -6.33 13.15
N PRO A 139 -7.88 -7.42 12.81
CA PRO A 139 -7.84 -8.58 13.72
C PRO A 139 -7.36 -8.18 15.11
N GLU A 140 -7.96 -8.78 16.13
CA GLU A 140 -7.60 -8.56 17.54
C GLU A 140 -6.30 -9.27 17.92
N GLU A 141 -5.94 -10.32 17.15
CA GLU A 141 -4.68 -11.02 17.35
C GLU A 141 -4.09 -11.55 16.02
N ASN A 142 -2.88 -12.11 16.12
CA ASN A 142 -2.23 -12.79 15.01
C ASN A 142 -2.87 -14.16 14.82
N LEU A 143 -3.67 -14.28 13.77
CA LEU A 143 -4.46 -15.48 13.45
C LEU A 143 -3.81 -16.32 12.34
N PHE A 144 -2.73 -15.79 11.74
CA PHE A 144 -2.01 -16.54 10.71
C PHE A 144 -1.38 -17.79 11.34
N LYS A 145 -1.25 -18.83 10.53
CA LYS A 145 -0.57 -20.06 10.91
C LYS A 145 0.50 -20.39 9.86
N VAL A 146 1.61 -20.98 10.31
CA VAL A 146 2.72 -21.38 9.44
C VAL A 146 2.23 -22.31 8.31
N GLY A 147 2.71 -22.06 7.09
CA GLY A 147 2.33 -22.85 5.93
C GLY A 147 1.25 -22.24 5.05
N GLN A 148 0.55 -21.24 5.57
CA GLN A 148 -0.59 -20.59 4.91
C GLN A 148 -0.19 -19.66 3.77
N LYS A 149 -0.97 -19.67 2.69
CA LYS A 149 -0.66 -18.86 1.53
C LYS A 149 -1.49 -17.57 1.47
N LEU A 150 -0.94 -16.57 0.78
CA LEU A 150 -1.56 -15.27 0.65
C LEU A 150 -1.03 -14.51 -0.56
N GLU A 151 -1.56 -13.31 -0.75
CA GLU A 151 -1.04 -12.36 -1.74
C GLU A 151 -0.28 -11.26 -1.00
N ALA A 152 0.96 -11.00 -1.41
CA ALA A 152 1.81 -10.00 -0.74
C ALA A 152 2.48 -9.02 -1.70
N VAL A 153 2.55 -7.75 -1.31
CA VAL A 153 3.34 -6.79 -2.04
C VAL A 153 4.81 -7.20 -1.95
N ASP A 154 5.50 -7.19 -3.08
CA ASP A 154 6.94 -7.36 -3.08
C ASP A 154 7.49 -5.99 -2.73
N LYS A 155 8.05 -5.84 -1.53
CA LYS A 155 8.52 -4.53 -1.05
C LYS A 155 9.71 -3.99 -1.85
N LYS A 156 10.41 -4.86 -2.55
CA LYS A 156 11.53 -4.46 -3.42
C LYS A 156 11.07 -4.01 -4.81
N ASN A 157 9.84 -4.37 -5.16
CA ASN A 157 9.20 -3.99 -6.43
C ASN A 157 7.71 -3.78 -6.15
N PRO A 158 7.35 -2.71 -5.40
CA PRO A 158 6.01 -2.63 -4.81
C PRO A 158 4.80 -2.53 -5.77
N GLN A 159 5.05 -2.39 -7.07
CA GLN A 159 3.98 -2.48 -8.07
C GLN A 159 3.41 -3.89 -8.11
N LEU A 160 4.21 -4.87 -7.66
CA LEU A 160 3.88 -6.29 -7.78
C LEU A 160 3.27 -6.83 -6.49
N ILE A 161 2.16 -7.53 -6.63
CA ILE A 161 1.58 -8.32 -5.56
C ILE A 161 1.65 -9.76 -6.04
N CYS A 162 2.19 -10.62 -5.17
CA CYS A 162 2.67 -11.92 -5.55
C CYS A 162 2.21 -13.03 -4.62
N CYS A 163 2.15 -14.21 -5.20
CA CYS A 163 1.98 -15.47 -4.52
C CYS A 163 3.04 -15.62 -3.41
N ALA A 164 2.57 -15.86 -2.18
CA ALA A 164 3.45 -15.91 -1.02
C ALA A 164 2.98 -16.91 0.05
N THR A 165 3.89 -17.25 0.96
CA THR A 165 3.60 -18.18 2.05
C THR A 165 4.12 -17.64 3.37
N VAL A 166 3.33 -17.83 4.44
CA VAL A 166 3.82 -17.63 5.81
C VAL A 166 4.76 -18.77 6.26
N ASP A 167 6.01 -18.38 6.50
CA ASP A 167 7.16 -19.24 6.74
C ASP A 167 7.33 -19.50 8.21
N ALA A 168 6.99 -18.48 9.01
CA ALA A 168 7.31 -18.46 10.43
C ALA A 168 6.50 -17.35 11.09
N ILE A 169 6.29 -17.48 12.39
CA ILE A 169 5.54 -16.51 13.18
C ILE A 169 6.26 -16.29 14.50
N LYS A 170 6.47 -15.01 14.86
CA LYS A 170 6.96 -14.58 16.18
C LYS A 170 6.02 -13.51 16.72
N ASP A 171 5.13 -13.91 17.63
CA ASP A 171 4.15 -13.00 18.27
C ASP A 171 3.24 -12.30 17.26
N ASP A 172 3.44 -11.01 17.02
CA ASP A 172 2.61 -10.25 16.09
C ASP A 172 3.23 -10.10 14.69
N GLN A 173 4.43 -10.63 14.51
CA GLN A 173 5.12 -10.61 13.23
C GLN A 173 4.97 -11.94 12.47
N ILE A 174 4.71 -11.85 11.18
CA ILE A 174 4.71 -13.00 10.28
C ILE A 174 5.86 -12.88 9.27
N HIS A 175 6.45 -14.01 8.88
CA HIS A 175 7.52 -14.01 7.90
C HIS A 175 6.97 -14.44 6.57
N VAL A 176 6.98 -13.48 5.63
CA VAL A 176 6.45 -13.66 4.29
C VAL A 176 7.57 -14.10 3.35
N THR A 177 7.33 -15.21 2.66
CA THR A 177 8.26 -15.76 1.69
C THR A 177 7.58 -15.85 0.31
N PHE A 178 8.34 -15.60 -0.76
CA PHE A 178 7.77 -15.57 -2.11
C PHE A 178 7.98 -16.86 -2.89
N ASP A 179 6.87 -17.52 -3.21
CA ASP A 179 6.93 -18.83 -3.87
C ASP A 179 7.70 -18.70 -5.18
N GLY A 180 8.69 -19.58 -5.35
CA GLY A 180 9.48 -19.66 -6.56
C GLY A 180 10.63 -18.66 -6.63
N TRP A 181 10.76 -17.83 -5.60
CA TRP A 181 11.83 -16.85 -5.53
C TRP A 181 12.79 -17.16 -4.38
N ARG A 182 14.05 -16.78 -4.56
CA ARG A 182 15.06 -16.89 -3.51
C ARG A 182 14.59 -16.10 -2.27
N GLY A 183 15.03 -16.53 -1.08
CA GLY A 183 14.69 -15.83 0.15
C GLY A 183 15.05 -14.35 0.20
N ALA A 184 15.52 -13.82 -0.93
CA ALA A 184 15.95 -12.41 -1.03
C ALA A 184 14.78 -11.44 -1.01
N PHE A 185 13.58 -11.93 -1.33
CA PHE A 185 12.41 -11.07 -1.38
C PHE A 185 11.56 -11.26 -0.13
N ASP A 186 12.03 -12.12 0.78
CA ASP A 186 11.35 -12.36 2.06
C ASP A 186 11.38 -11.13 2.96
N TYR A 187 10.40 -11.02 3.83
CA TYR A 187 10.41 -10.01 4.88
C TYR A 187 9.52 -10.38 6.04
N TRP A 188 9.78 -9.78 7.20
CA TRP A 188 8.88 -9.82 8.33
C TRP A 188 7.95 -8.61 8.28
N CYS A 189 6.69 -8.82 8.60
CA CYS A 189 5.75 -7.70 8.76
C CYS A 189 4.80 -7.98 9.90
N ASN A 190 4.14 -6.93 10.38
CA ASN A 190 3.11 -7.09 11.40
C ASN A 190 1.90 -7.73 10.75
N TYR A 191 1.16 -8.56 11.49
CA TYR A 191 -0.06 -9.17 10.95
C TYR A 191 -1.11 -8.12 10.52
N ARG A 192 -0.97 -6.89 11.02
CA ARG A 192 -1.83 -5.76 10.64
C ARG A 192 -1.44 -5.10 9.31
N SER A 193 -0.35 -5.55 8.68
CA SER A 193 0.18 -4.95 7.46
C SER A 193 -0.88 -4.73 6.40
N ARG A 194 -0.83 -3.57 5.75
CA ARG A 194 -1.71 -3.25 4.62
C ARG A 194 -1.18 -3.89 3.33
N ASP A 195 0.04 -4.45 3.39
CA ASP A 195 0.72 -5.02 2.23
C ASP A 195 0.43 -6.50 2.00
N ILE A 196 -0.48 -7.07 2.76
CA ILE A 196 -0.85 -8.46 2.61
C ILE A 196 -2.37 -8.62 2.43
N PHE A 197 -2.74 -9.60 1.61
CA PHE A 197 -4.13 -9.80 1.18
C PHE A 197 -4.47 -11.28 1.14
N PRO A 198 -5.75 -11.62 1.37
CA PRO A 198 -6.17 -13.00 1.22
C PRO A 198 -6.09 -13.46 -0.22
N ALA A 199 -5.86 -14.75 -0.43
CA ALA A 199 -5.84 -15.32 -1.78
C ALA A 199 -7.16 -14.99 -2.51
N GLY A 200 -7.04 -14.49 -3.75
CA GLY A 200 -8.21 -14.16 -4.57
C GLY A 200 -8.57 -12.68 -4.57
N TRP A 201 -7.91 -11.93 -3.68
CA TRP A 201 -8.17 -10.51 -3.52
C TRP A 201 -7.85 -9.69 -4.76
N CYS A 202 -6.65 -9.88 -5.32
CA CYS A 202 -6.23 -9.17 -6.55
C CYS A 202 -7.19 -9.38 -7.71
N ALA A 203 -7.62 -10.61 -7.94
CA ALA A 203 -8.58 -10.91 -9.00
C ALA A 203 -9.87 -10.11 -8.80
N ARG A 204 -10.25 -9.97 -7.53
CA ARG A 204 -11.48 -9.27 -7.13
C ARG A 204 -11.34 -7.75 -7.26
N SER A 205 -10.11 -7.24 -7.15
CA SER A 205 -9.85 -5.80 -7.22
C SER A 205 -9.33 -5.34 -8.58
N CYS A 206 -9.18 -6.26 -9.53
CA CYS A 206 -8.55 -5.99 -10.84
C CYS A 206 -7.09 -5.56 -10.73
N HIS A 207 -6.38 -6.10 -9.75
CA HIS A 207 -4.94 -5.90 -9.64
C HIS A 207 -4.29 -7.16 -10.20
N PRO A 208 -3.21 -7.01 -10.99
CA PRO A 208 -2.43 -8.19 -11.41
C PRO A 208 -1.81 -8.95 -10.23
N MET A 209 -1.69 -10.26 -10.36
CA MET A 209 -1.20 -11.11 -9.29
C MET A 209 -0.11 -12.01 -9.86
N GLN A 210 1.11 -11.87 -9.35
CA GLN A 210 2.23 -12.65 -9.86
C GLN A 210 2.19 -14.11 -9.41
N PRO A 211 2.26 -15.04 -10.37
CA PRO A 211 2.40 -16.46 -10.06
C PRO A 211 3.79 -16.73 -9.46
N PRO A 212 4.01 -17.94 -8.88
CA PRO A 212 5.34 -18.28 -8.38
C PRO A 212 6.47 -17.99 -9.37
N GLY A 213 7.66 -17.68 -8.85
CA GLY A 213 8.85 -17.60 -9.68
C GLY A 213 9.28 -18.94 -10.26
N HIS A 214 10.14 -18.87 -11.28
CA HIS A 214 10.60 -20.07 -11.98
C HIS A 214 11.90 -20.65 -11.41
N LYS A 215 12.12 -20.48 -10.11
CA LYS A 215 13.33 -21.02 -9.47
C LYS A 215 13.03 -22.21 -8.55
#